data_3A0I
#
_entry.id   3A0I
#
_cell.length_a   79.732
_cell.length_b   79.732
_cell.length_c   321.975
_cell.angle_alpha   90.00
_cell.angle_beta   90.00
_cell.angle_gamma   120.00
#
_symmetry.space_group_name_H-M   'P 65 2 2'
#
loop_
_entity.id
_entity.type
_entity.pdbx_description
1 polymer Glucokinase
2 non-polymer alpha-D-glucopyranose
3 non-polymer 3-[(4-fluorophenyl)sulfanyl]-N-(4-methyl-1,3-thiazol-2-yl)-6-[(4-methyl-4H-1,2,4-triazol-3-yl)sulfanyl]pyridine-2-carboxamide
4 non-polymer 'SODIUM ION'
5 water water
#
_entity_poly.entity_id   1
_entity_poly.type   'polypeptide(L)'
_entity_poly.pdbx_seq_one_letter_code
;TALTLVEQILAEFQLQEEDLKKVMRRMQKEMDRGLRLETHEEASVKMLPTYVRSTPEGSEVGDFLSLDLGGTNFRVMLVK
VGEGEEGQWSVKTKHQMYSIPEDAMTGTAEMLFDYISECISDFLDKHQMKHKKLPLGFTFSFPVRHEDIDKGILLNWTKG
FKASGAEGNNVVGLLRDAIKRRGDFEMDVVAMVNDTVATMISCYYEDHQCEVGMIVGTGCNACYMEEMQNVELVEGDEGR
MCVNTEWGAFGDSGELDEFLLEYDRLVDESSANPGQQLYEKLIGGKYMGELVRLVLLRLVDENLLFHGEASEQLRTRGAF
ETRFVSQVESDTGDRKQIYNILSTLGLRPSTTDCDIVRRACESVSTRAAHMCSAGLAGVINRMRESRSEDVMRITVGVDG
SVYKLHPSFKERFHASVRRLTPSCEITFIESEEGSGRGAALVSAVACKKACMLGQ
;
_entity_poly.pdbx_strand_id   X
#
# COMPACT_ATOMS: atom_id res chain seq x y z
N THR A 4 23.25 26.44 -5.25
CA THR A 4 22.38 27.06 -4.14
C THR A 4 21.02 27.66 -4.58
N LEU A 5 20.90 28.19 -5.78
CA LEU A 5 19.56 28.57 -6.24
C LEU A 5 18.73 27.24 -6.38
N VAL A 6 19.41 26.21 -6.88
CA VAL A 6 18.90 24.86 -6.98
C VAL A 6 18.66 24.31 -5.59
N GLU A 7 19.69 24.41 -4.72
CA GLU A 7 19.66 23.82 -3.38
C GLU A 7 18.63 24.44 -2.43
N GLN A 8 18.32 25.73 -2.69
CA GLN A 8 17.25 26.47 -2.03
C GLN A 8 15.87 25.96 -2.40
N ILE A 9 15.61 25.73 -3.69
CA ILE A 9 14.36 25.01 -4.14
C ILE A 9 14.23 23.61 -3.49
N LEU A 10 15.32 22.85 -3.46
CA LEU A 10 15.32 21.50 -2.95
C LEU A 10 15.17 21.44 -1.44
N ALA A 11 15.73 22.43 -0.75
CA ALA A 11 15.72 22.45 0.71
C ALA A 11 14.30 22.65 1.29
N GLU A 12 13.36 23.07 0.45
CA GLU A 12 11.92 23.09 0.77
C GLU A 12 11.31 21.69 1.13
N PHE A 13 12.03 20.62 0.78
CA PHE A 13 11.61 19.23 0.94
C PHE A 13 12.07 18.70 2.27
N GLN A 14 13.03 19.38 2.86
CA GLN A 14 13.53 18.96 4.17
C GLN A 14 12.46 18.99 5.25
N LEU A 15 12.59 18.05 6.20
CA LEU A 15 11.76 18.01 7.34
C LEU A 15 12.74 17.91 8.52
N GLN A 16 12.52 18.68 9.56
CA GLN A 16 13.35 18.58 10.76
C GLN A 16 12.70 17.56 11.67
N GLU A 17 13.45 17.05 12.62
CA GLU A 17 12.95 16.10 13.54
C GLU A 17 11.65 16.51 14.22
N GLU A 18 11.56 17.78 14.60
CA GLU A 18 10.35 18.24 15.23
C GLU A 18 9.17 18.20 14.28
N ASP A 19 9.39 18.42 12.98
CA ASP A 19 8.34 18.23 11.98
C ASP A 19 7.86 16.79 11.94
N LEU A 20 8.79 15.83 11.99
CA LEU A 20 8.40 14.41 12.00
C LEU A 20 7.62 14.09 13.26
N LYS A 21 8.02 14.66 14.39
CA LYS A 21 7.35 14.36 15.64
C LYS A 21 5.93 14.94 15.63
N LYS A 22 5.77 16.06 14.99
CA LYS A 22 4.51 16.69 14.90
C LYS A 22 3.57 15.82 14.00
N VAL A 23 4.05 15.40 12.84
CA VAL A 23 3.31 14.53 11.93
C VAL A 23 2.89 13.23 12.68
N MET A 24 3.86 12.57 13.32
CA MET A 24 3.67 11.44 14.19
C MET A 24 2.56 11.63 15.23
N ARG A 25 2.58 12.73 15.96
CA ARG A 25 1.56 12.95 16.99
C ARG A 25 0.20 13.20 16.38
N ARG A 26 0.17 13.92 15.25
CA ARG A 26 -1.07 14.13 14.54
C ARG A 26 -1.67 12.84 13.97
N MET A 27 -0.84 12.01 13.26
CA MET A 27 -1.22 10.65 12.88
C MET A 27 -1.86 9.90 14.07
N GLN A 28 -1.17 9.75 15.22
CA GLN A 28 -1.68 9.16 16.44
C GLN A 28 -3.07 9.67 16.91
N LYS A 29 -3.27 10.98 16.84
CA LYS A 29 -4.54 11.64 17.10
C LYS A 29 -5.69 11.26 16.14
N GLU A 30 -5.40 11.36 14.85
CA GLU A 30 -6.24 10.90 13.82
C GLU A 30 -6.64 9.42 13.99
N MET A 31 -5.69 8.56 14.30
CA MET A 31 -5.92 7.14 14.56
C MET A 31 -6.88 6.95 15.73
N ASP A 32 -6.66 7.67 16.83
CA ASP A 32 -7.59 7.63 17.97
C ASP A 32 -9.02 8.09 17.57
N ARG A 33 -9.11 9.12 16.75
CA ARG A 33 -10.37 9.58 16.24
C ARG A 33 -11.15 8.51 15.39
N GLY A 34 -10.45 7.75 14.54
CA GLY A 34 -11.12 6.84 13.63
C GLY A 34 -11.63 5.64 14.38
N LEU A 35 -11.04 5.38 15.54
CA LEU A 35 -11.45 4.27 16.37
C LEU A 35 -12.72 4.51 17.22
N ARG A 36 -12.96 5.76 17.62
CA ARG A 36 -14.08 6.12 18.48
C ARG A 36 -15.33 6.35 17.67
N LEU A 37 -16.43 5.90 18.24
CA LEU A 37 -17.72 5.99 17.57
C LEU A 37 -18.10 7.41 17.22
N GLU A 38 -17.84 8.36 18.15
CA GLU A 38 -18.24 9.72 17.95
C GLU A 38 -17.48 10.45 16.84
N THR A 39 -16.44 9.84 16.27
CA THR A 39 -15.55 10.59 15.32
C THR A 39 -15.15 9.73 14.14
N HIS A 40 -15.53 8.45 14.18
CA HIS A 40 -15.09 7.54 13.15
C HIS A 40 -15.60 7.91 11.78
N GLU A 41 -16.70 8.65 11.73
CA GLU A 41 -17.38 8.91 10.51
C GLU A 41 -16.78 10.09 9.77
N GLU A 42 -16.35 11.13 10.52
CA GLU A 42 -15.68 12.25 9.95
C GLU A 42 -14.14 12.05 9.85
N ALA A 43 -13.64 10.93 10.35
CA ALA A 43 -12.22 10.77 10.58
C ALA A 43 -11.47 10.62 9.26
N SER A 44 -10.40 11.42 9.06
CA SER A 44 -9.57 11.28 7.84
C SER A 44 -8.85 9.92 7.85
N VAL A 45 -8.45 9.45 9.05
CA VAL A 45 -7.83 8.14 9.19
C VAL A 45 -8.86 7.10 9.60
N LYS A 46 -9.26 6.25 8.63
CA LYS A 46 -10.52 5.52 8.90
C LYS A 46 -10.48 4.44 9.95
N MET A 47 -9.32 3.88 10.24
CA MET A 47 -9.18 2.79 11.18
C MET A 47 -10.31 1.71 11.00
N LEU A 48 -10.33 1.10 9.81
CA LEU A 48 -11.35 0.13 9.38
C LEU A 48 -11.17 -1.25 10.05
N PRO A 49 -12.09 -1.61 10.95
CA PRO A 49 -11.97 -3.02 11.41
C PRO A 49 -11.97 -4.04 10.22
N THR A 50 -11.14 -5.06 10.32
CA THR A 50 -10.90 -6.02 9.22
C THR A 50 -11.50 -7.41 9.55
N TYR A 51 -11.94 -7.60 10.80
CA TYR A 51 -12.46 -8.90 11.29
C TYR A 51 -11.46 -9.99 11.35
N VAL A 52 -10.19 -9.72 11.04
CA VAL A 52 -9.16 -10.73 11.28
C VAL A 52 -8.82 -10.59 12.74
N ARG A 53 -8.76 -11.72 13.50
CA ARG A 53 -8.66 -11.61 14.94
C ARG A 53 -7.57 -12.46 15.43
N SER A 54 -7.14 -12.20 16.66
CA SER A 54 -6.01 -12.86 17.32
C SER A 54 -6.33 -14.28 17.79
N THR A 55 -5.31 -14.94 18.34
CA THR A 55 -5.39 -16.35 18.69
C THR A 55 -6.42 -17.13 17.81
N PRO A 56 -6.12 -17.26 16.49
CA PRO A 56 -7.13 -17.86 15.61
C PRO A 56 -7.34 -19.36 15.98
N GLU A 57 -6.26 -20.14 15.93
CA GLU A 57 -6.27 -21.60 16.21
C GLU A 57 -7.46 -22.43 15.65
N GLY A 58 -7.18 -23.16 14.58
CA GLY A 58 -8.20 -23.92 13.90
C GLY A 58 -8.17 -23.60 12.43
N SER A 59 -7.23 -24.20 11.72
CA SER A 59 -7.11 -23.96 10.29
C SER A 59 -7.33 -25.22 9.48
N GLU A 60 -8.14 -25.07 8.43
CA GLU A 60 -8.16 -26.02 7.33
C GLU A 60 -6.81 -26.07 6.52
N VAL A 61 -6.47 -27.26 6.01
CA VAL A 61 -5.25 -27.44 5.23
C VAL A 61 -5.60 -27.72 3.78
N GLY A 62 -4.60 -27.90 2.92
CA GLY A 62 -4.87 -27.99 1.47
C GLY A 62 -4.69 -26.75 0.60
N ASP A 63 -5.44 -26.68 -0.49
CA ASP A 63 -5.25 -25.74 -1.57
C ASP A 63 -6.27 -24.62 -1.67
N PHE A 64 -5.79 -23.38 -1.92
CA PHE A 64 -6.64 -22.20 -1.92
C PHE A 64 -6.37 -21.36 -3.13
N LEU A 65 -7.37 -20.70 -3.66
CA LEU A 65 -7.14 -19.79 -4.75
C LEU A 65 -6.99 -18.37 -4.13
N SER A 66 -6.00 -17.60 -4.58
CA SER A 66 -5.80 -16.22 -4.11
C SER A 66 -5.95 -15.26 -5.22
N LEU A 67 -6.79 -14.28 -5.06
CA LEU A 67 -6.78 -13.25 -6.02
C LEU A 67 -6.13 -12.01 -5.39
N ASP A 68 -5.40 -11.26 -6.20
CA ASP A 68 -4.86 -9.98 -5.78
C ASP A 68 -5.28 -8.90 -6.74
N LEU A 69 -6.17 -8.00 -6.32
CA LEU A 69 -6.51 -6.86 -7.15
C LEU A 69 -6.20 -5.60 -6.39
N GLY A 70 -5.42 -4.72 -7.01
CA GLY A 70 -5.17 -3.38 -6.48
C GLY A 70 -3.99 -2.78 -7.20
N GLY A 71 -3.14 -3.66 -7.73
CA GLY A 71 -2.06 -3.27 -8.65
C GLY A 71 -2.58 -2.89 -10.02
N THR A 72 -1.65 -2.34 -10.83
CA THR A 72 -1.95 -2.04 -12.23
C THR A 72 -2.36 -3.35 -12.93
N ASN A 73 -1.72 -4.44 -12.49
CA ASN A 73 -2.00 -5.81 -12.95
C ASN A 73 -2.61 -6.80 -11.90
N PHE A 74 -3.71 -7.43 -12.30
CA PHE A 74 -4.51 -8.34 -11.48
C PHE A 74 -3.77 -9.66 -11.42
N ARG A 75 -3.80 -10.37 -10.31
CA ARG A 75 -3.06 -11.65 -10.26
C ARG A 75 -3.97 -12.76 -9.73
N VAL A 76 -3.67 -14.02 -10.09
CA VAL A 76 -4.45 -15.18 -9.72
C VAL A 76 -3.47 -16.23 -9.46
N MET A 77 -3.59 -16.87 -8.30
CA MET A 77 -2.58 -17.81 -7.94
C MET A 77 -3.11 -18.90 -7.08
N LEU A 78 -2.34 -19.95 -6.93
CA LEU A 78 -2.77 -21.05 -6.13
C LEU A 78 -1.79 -21.28 -4.99
N VAL A 79 -2.32 -21.49 -3.80
CA VAL A 79 -1.47 -21.53 -2.65
C VAL A 79 -1.84 -22.75 -1.88
N LYS A 80 -0.84 -23.51 -1.43
CA LYS A 80 -1.01 -24.62 -0.54
C LYS A 80 -0.77 -24.25 0.92
N VAL A 81 -1.80 -24.36 1.74
CA VAL A 81 -1.65 -24.21 3.21
C VAL A 81 -1.57 -25.60 3.87
N GLY A 82 -0.65 -25.78 4.80
CA GLY A 82 -0.58 -27.01 5.52
C GLY A 82 -0.12 -26.79 6.93
N GLU A 83 0.34 -27.85 7.59
CA GLU A 83 0.43 -27.84 9.01
C GLU A 83 1.86 -27.87 9.45
N GLY A 84 2.22 -26.84 10.22
CA GLY A 84 3.60 -26.58 10.61
C GLY A 84 3.63 -26.54 12.11
N GLU A 85 4.75 -26.19 12.70
CA GLU A 85 4.78 -26.15 14.16
C GLU A 85 4.28 -24.79 14.71
N GLU A 86 3.45 -24.83 15.75
CA GLU A 86 2.69 -23.68 16.26
C GLU A 86 2.09 -22.77 15.16
N GLY A 87 1.60 -23.35 14.06
CA GLY A 87 0.97 -22.58 12.97
C GLY A 87 0.91 -23.28 11.61
N GLN A 88 0.49 -22.56 10.56
CA GLN A 88 0.44 -23.14 9.21
C GLN A 88 1.55 -22.63 8.26
N TRP A 89 2.14 -23.55 7.49
CA TRP A 89 3.01 -23.14 6.39
C TRP A 89 2.18 -22.77 5.21
N SER A 90 2.77 -22.12 4.23
CA SER A 90 2.08 -21.85 3.00
C SER A 90 3.15 -21.70 1.94
N VAL A 91 2.76 -21.95 0.69
CA VAL A 91 3.62 -21.87 -0.46
C VAL A 91 2.79 -21.64 -1.71
N LYS A 92 3.23 -20.73 -2.56
CA LYS A 92 2.54 -20.41 -3.80
C LYS A 92 3.00 -21.45 -4.86
N THR A 93 2.03 -21.99 -5.64
CA THR A 93 2.37 -23.19 -6.46
C THR A 93 2.17 -22.81 -7.91
N LYS A 94 1.20 -21.94 -8.19
CA LYS A 94 0.84 -21.57 -9.55
C LYS A 94 0.46 -20.15 -9.54
N HIS A 95 0.84 -19.43 -10.57
CA HIS A 95 0.47 -18.03 -10.59
C HIS A 95 0.25 -17.54 -12.00
N GLN A 96 -0.60 -16.54 -12.17
CA GLN A 96 -0.70 -15.87 -13.43
C GLN A 96 -1.10 -14.42 -13.26
N MET A 97 -0.47 -13.54 -14.03
CA MET A 97 -0.75 -12.14 -13.91
C MET A 97 -1.52 -11.68 -15.15
N TYR A 98 -2.47 -10.76 -14.98
CA TYR A 98 -3.31 -10.26 -16.05
C TYR A 98 -3.38 -8.77 -16.07
N SER A 99 -3.06 -8.17 -17.21
CA SER A 99 -3.36 -6.75 -17.41
C SER A 99 -4.88 -6.46 -17.48
N ILE A 100 -5.23 -5.21 -17.16
CA ILE A 100 -6.61 -4.78 -17.20
C ILE A 100 -6.65 -3.67 -18.26
N PRO A 101 -7.44 -3.87 -19.34
CA PRO A 101 -7.44 -2.91 -20.47
C PRO A 101 -8.18 -1.60 -20.14
N GLU A 102 -7.65 -0.48 -20.64
CA GLU A 102 -8.34 0.80 -20.62
C GLU A 102 -9.89 0.69 -20.60
N ASP A 103 -10.47 -0.19 -21.43
CA ASP A 103 -11.93 -0.36 -21.52
C ASP A 103 -12.57 -1.08 -20.32
N ALA A 104 -11.83 -2.02 -19.71
CA ALA A 104 -12.30 -2.80 -18.52
C ALA A 104 -12.39 -1.94 -17.25
N MET A 105 -11.42 -1.03 -17.11
CA MET A 105 -11.33 -0.10 -16.00
C MET A 105 -12.43 0.94 -16.07
N THR A 106 -12.33 1.82 -17.08
CA THR A 106 -13.22 2.99 -17.24
C THR A 106 -14.68 2.59 -17.49
N GLY A 107 -14.97 1.30 -17.36
CA GLY A 107 -16.33 0.79 -17.56
C GLY A 107 -17.20 0.89 -16.34
N THR A 108 -17.78 -0.26 -15.95
CA THR A 108 -18.56 -0.42 -14.72
C THR A 108 -17.96 -1.56 -13.87
N ALA A 109 -18.34 -1.61 -12.60
CA ALA A 109 -17.78 -2.61 -11.68
C ALA A 109 -18.09 -4.05 -12.07
N GLU A 110 -19.35 -4.30 -12.45
CA GLU A 110 -19.83 -5.61 -12.92
C GLU A 110 -19.09 -6.04 -14.21
N MET A 111 -18.87 -5.08 -15.12
CA MET A 111 -17.96 -5.23 -16.27
C MET A 111 -16.60 -5.76 -15.77
N LEU A 112 -15.84 -4.86 -15.15
CA LEU A 112 -14.57 -5.17 -14.44
C LEU A 112 -14.58 -6.50 -13.66
N PHE A 113 -15.63 -6.78 -12.91
CA PHE A 113 -15.64 -8.05 -12.20
C PHE A 113 -15.88 -9.30 -13.07
N ASP A 114 -16.51 -9.10 -14.24
CA ASP A 114 -16.50 -10.13 -15.31
C ASP A 114 -15.05 -10.35 -15.77
N TYR A 115 -14.38 -9.30 -16.28
CA TYR A 115 -12.96 -9.47 -16.66
C TYR A 115 -12.13 -10.30 -15.64
N ILE A 116 -12.40 -10.13 -14.34
CA ILE A 116 -11.73 -10.85 -13.27
C ILE A 116 -12.08 -12.36 -13.30
N SER A 117 -13.38 -12.67 -13.24
CA SER A 117 -13.93 -14.03 -13.45
C SER A 117 -13.43 -14.69 -14.75
N GLU A 118 -13.38 -13.89 -15.84
CA GLU A 118 -12.78 -14.36 -17.09
C GLU A 118 -11.37 -14.89 -16.78
N CYS A 119 -10.44 -13.99 -16.43
CA CYS A 119 -9.08 -14.36 -15.98
C CYS A 119 -9.10 -15.56 -15.00
N ILE A 120 -10.09 -15.63 -14.12
CA ILE A 120 -10.13 -16.75 -13.17
C ILE A 120 -10.38 -18.07 -13.93
N SER A 121 -11.27 -18.02 -14.92
CA SER A 121 -11.50 -19.19 -15.80
C SER A 121 -10.23 -19.55 -16.56
N ASP A 122 -9.83 -18.64 -17.44
CA ASP A 122 -8.55 -18.66 -18.13
C ASP A 122 -7.46 -19.41 -17.32
N PHE A 123 -7.24 -18.96 -16.08
CA PHE A 123 -6.23 -19.55 -15.16
C PHE A 123 -6.49 -21.02 -14.81
N LEU A 124 -7.74 -21.33 -14.50
CA LEU A 124 -8.16 -22.72 -14.16
C LEU A 124 -8.16 -23.69 -15.38
N ASP A 125 -8.55 -23.19 -16.54
CA ASP A 125 -8.41 -23.93 -17.80
C ASP A 125 -6.99 -24.45 -17.92
N LYS A 126 -6.03 -23.51 -17.89
CA LYS A 126 -4.60 -23.76 -18.07
C LYS A 126 -4.01 -24.67 -17.01
N HIS A 127 -4.65 -24.78 -15.86
CA HIS A 127 -4.12 -25.69 -14.82
C HIS A 127 -4.93 -26.95 -14.56
N GLN A 128 -5.92 -27.21 -15.43
CA GLN A 128 -6.79 -28.41 -15.35
C GLN A 128 -7.42 -28.41 -13.96
N MET A 129 -8.14 -27.35 -13.65
CA MET A 129 -8.71 -27.18 -12.32
C MET A 129 -10.13 -26.62 -12.36
N LYS A 130 -10.61 -26.34 -13.58
CA LYS A 130 -11.94 -25.76 -13.77
C LYS A 130 -13.08 -26.59 -13.19
N HIS A 131 -12.94 -27.91 -13.21
CA HIS A 131 -13.85 -28.81 -12.50
C HIS A 131 -13.86 -28.55 -10.95
N LYS A 132 -12.70 -28.77 -10.30
CA LYS A 132 -12.37 -28.44 -8.89
C LYS A 132 -13.01 -27.17 -8.24
N LYS A 133 -13.34 -27.26 -6.95
CA LYS A 133 -13.93 -26.13 -6.20
C LYS A 133 -13.10 -25.91 -4.94
N LEU A 134 -12.50 -24.71 -4.85
CA LEU A 134 -11.62 -24.39 -3.70
C LEU A 134 -12.03 -23.13 -2.93
N PRO A 135 -11.59 -23.01 -1.67
CA PRO A 135 -11.80 -21.72 -0.99
C PRO A 135 -10.89 -20.66 -1.68
N LEU A 136 -11.48 -19.50 -1.97
CA LEU A 136 -10.88 -18.34 -2.58
C LEU A 136 -10.54 -17.28 -1.49
N GLY A 137 -9.24 -16.91 -1.42
CA GLY A 137 -8.68 -15.72 -0.67
C GLY A 137 -8.69 -14.47 -1.56
N PHE A 138 -9.44 -13.44 -1.22
CA PHE A 138 -9.43 -12.26 -2.06
C PHE A 138 -8.61 -11.09 -1.35
N THR A 139 -7.52 -10.62 -1.99
CA THR A 139 -6.71 -9.47 -1.47
C THR A 139 -7.16 -8.29 -2.27
N PHE A 140 -7.79 -7.35 -1.61
CA PHE A 140 -8.38 -6.27 -2.32
C PHE A 140 -7.84 -4.96 -1.67
N SER A 141 -6.85 -4.38 -2.31
CA SER A 141 -6.05 -3.24 -1.81
C SER A 141 -6.67 -1.92 -1.95
N PHE A 142 -7.85 -1.72 -1.35
CA PHE A 142 -8.60 -0.43 -1.41
C PHE A 142 -9.42 -0.33 -0.14
N PRO A 143 -9.86 0.88 0.16
CA PRO A 143 -10.52 0.95 1.48
C PRO A 143 -11.93 0.32 1.54
N VAL A 144 -12.10 -0.67 2.42
CA VAL A 144 -13.38 -1.32 2.64
C VAL A 144 -13.92 -1.20 4.10
N ARG A 145 -15.20 -0.78 4.22
CA ARG A 145 -15.96 -0.93 5.48
C ARG A 145 -16.56 -2.37 5.59
N HIS A 146 -15.92 -3.24 6.40
CA HIS A 146 -16.28 -4.62 6.57
C HIS A 146 -17.44 -4.81 7.57
N GLU A 147 -18.27 -5.82 7.32
CA GLU A 147 -19.36 -6.20 8.21
C GLU A 147 -18.86 -7.47 8.81
N ASP A 148 -18.09 -8.17 8.01
CA ASP A 148 -17.42 -9.34 8.42
C ASP A 148 -16.25 -9.57 7.48
N ILE A 149 -15.58 -10.67 7.74
CA ILE A 149 -14.40 -11.10 7.04
C ILE A 149 -14.66 -11.36 5.58
N ASP A 150 -15.93 -11.58 5.23
CA ASP A 150 -16.26 -11.96 3.89
C ASP A 150 -17.27 -11.01 3.34
N LYS A 151 -17.38 -9.85 3.96
CA LYS A 151 -18.32 -8.86 3.50
C LYS A 151 -17.88 -7.44 3.87
N GLY A 152 -17.77 -6.56 2.88
CA GLY A 152 -17.56 -5.14 3.11
C GLY A 152 -17.76 -4.30 1.86
N ILE A 153 -18.13 -3.06 2.03
CA ILE A 153 -18.34 -2.17 0.93
C ILE A 153 -17.03 -1.35 0.68
N LEU A 154 -16.66 -1.20 -0.60
CA LEU A 154 -15.70 -0.24 -1.05
C LEU A 154 -16.20 1.10 -0.71
N LEU A 155 -15.29 1.97 -0.27
CA LEU A 155 -15.63 3.29 0.21
C LEU A 155 -15.39 4.26 -0.93
N ASN A 156 -14.19 4.13 -1.51
CA ASN A 156 -13.82 4.77 -2.72
C ASN A 156 -12.57 4.09 -3.26
N TRP A 157 -12.42 4.21 -4.58
CA TRP A 157 -11.26 3.72 -5.24
C TRP A 157 -10.10 4.67 -4.86
N THR A 158 -8.87 4.18 -4.90
CA THR A 158 -7.68 5.00 -4.68
C THR A 158 -6.71 4.62 -5.80
N LYS A 159 -5.49 5.21 -5.78
CA LYS A 159 -4.40 4.88 -6.73
C LYS A 159 -4.84 4.90 -8.22
N GLY A 160 -5.85 5.72 -8.53
CA GLY A 160 -6.18 6.02 -9.93
C GLY A 160 -7.21 5.14 -10.61
N PHE A 161 -7.63 4.06 -9.93
CA PHE A 161 -8.77 3.21 -10.31
C PHE A 161 -10.06 4.03 -10.35
N LYS A 162 -11.02 3.57 -11.15
CA LYS A 162 -12.22 4.40 -11.43
C LYS A 162 -13.45 3.68 -12.00
N ALA A 163 -13.50 2.34 -11.93
CA ALA A 163 -14.71 1.64 -12.37
C ALA A 163 -15.95 2.27 -11.74
N SER A 164 -16.98 2.59 -12.54
CA SER A 164 -18.18 3.22 -11.99
C SER A 164 -19.08 2.16 -11.34
N GLY A 165 -19.92 2.59 -10.40
CA GLY A 165 -20.92 1.70 -9.80
C GLY A 165 -20.38 0.56 -8.93
N ALA A 166 -19.17 0.76 -8.40
CA ALA A 166 -18.47 -0.18 -7.51
C ALA A 166 -18.42 0.36 -6.07
N GLU A 167 -18.28 1.69 -5.96
CA GLU A 167 -18.23 2.40 -4.69
C GLU A 167 -19.59 2.28 -3.96
N GLY A 168 -19.54 1.82 -2.72
CA GLY A 168 -20.70 1.76 -1.84
C GLY A 168 -21.32 0.37 -1.82
N ASN A 169 -20.79 -0.55 -2.64
CA ASN A 169 -21.36 -1.89 -2.88
C ASN A 169 -20.46 -2.88 -2.28
N ASN A 170 -21.00 -4.09 -2.02
CA ASN A 170 -20.31 -5.21 -1.39
C ASN A 170 -19.41 -5.94 -2.36
N VAL A 171 -18.10 -5.80 -2.21
CA VAL A 171 -17.12 -6.24 -3.20
C VAL A 171 -17.15 -7.74 -3.39
N VAL A 172 -17.37 -8.44 -2.28
CA VAL A 172 -17.41 -9.88 -2.23
C VAL A 172 -18.73 -10.27 -2.86
N GLY A 173 -19.73 -9.43 -2.66
CA GLY A 173 -20.94 -9.45 -3.45
C GLY A 173 -20.70 -9.35 -4.93
N LEU A 174 -20.02 -8.29 -5.36
CA LEU A 174 -19.72 -8.08 -6.77
C LEU A 174 -18.96 -9.25 -7.42
N LEU A 175 -18.25 -10.04 -6.63
CA LEU A 175 -17.43 -11.10 -7.23
C LEU A 175 -18.17 -12.44 -7.33
N ARG A 176 -18.93 -12.77 -6.29
CA ARG A 176 -19.74 -13.99 -6.20
C ARG A 176 -20.84 -13.99 -7.25
N ASP A 177 -21.40 -12.80 -7.47
CA ASP A 177 -22.24 -12.47 -8.63
C ASP A 177 -21.55 -13.00 -9.85
N ALA A 178 -20.51 -12.28 -10.30
CA ALA A 178 -19.91 -12.47 -11.62
C ALA A 178 -19.26 -13.84 -11.87
N ILE A 179 -18.83 -14.51 -10.80
CA ILE A 179 -18.39 -15.91 -10.84
C ILE A 179 -19.55 -16.84 -11.23
N LYS A 180 -20.77 -16.32 -11.15
CA LYS A 180 -21.99 -17.04 -11.54
C LYS A 180 -22.73 -16.34 -12.71
N ARG A 181 -21.99 -15.55 -13.49
CA ARG A 181 -22.36 -15.22 -14.86
C ARG A 181 -21.24 -15.85 -15.68
N ARG A 182 -20.99 -17.12 -15.37
CA ARG A 182 -19.84 -17.88 -15.85
C ARG A 182 -20.21 -19.35 -15.89
N GLY A 183 -20.91 -19.81 -14.84
CA GLY A 183 -21.33 -21.21 -14.68
C GLY A 183 -20.18 -22.21 -14.63
N ASP A 184 -19.28 -22.06 -15.62
CA ASP A 184 -17.95 -22.66 -15.69
C ASP A 184 -17.49 -23.30 -14.37
N PHE A 185 -17.11 -22.39 -13.45
CA PHE A 185 -16.45 -22.72 -12.18
C PHE A 185 -17.25 -22.16 -10.98
N GLU A 186 -16.99 -22.72 -9.81
CA GLU A 186 -17.50 -22.20 -8.54
C GLU A 186 -16.47 -22.22 -7.40
N MET A 187 -16.18 -21.04 -6.82
CA MET A 187 -15.34 -20.94 -5.63
C MET A 187 -16.18 -20.56 -4.44
N ASP A 188 -15.78 -21.10 -3.27
CA ASP A 188 -16.14 -20.54 -1.96
C ASP A 188 -15.30 -19.26 -1.67
N VAL A 189 -15.93 -18.08 -1.67
CA VAL A 189 -15.25 -16.81 -1.27
C VAL A 189 -15.28 -16.66 0.24
N VAL A 190 -14.22 -17.12 0.87
CA VAL A 190 -14.18 -17.23 2.34
C VAL A 190 -13.65 -15.97 3.14
N ALA A 191 -13.03 -14.99 2.47
CA ALA A 191 -12.26 -13.92 3.21
C ALA A 191 -11.74 -12.94 2.26
N MET A 192 -12.17 -11.69 2.38
CA MET A 192 -11.55 -10.54 1.71
C MET A 192 -10.61 -9.73 2.67
N VAL A 193 -9.34 -9.59 2.26
CA VAL A 193 -8.36 -8.82 3.04
C VAL A 193 -7.70 -7.64 2.28
N ASN A 194 -7.23 -6.66 3.08
CA ASN A 194 -6.34 -5.61 2.54
C ASN A 194 -4.96 -6.17 2.35
N ASP A 195 -4.20 -5.63 1.39
CA ASP A 195 -2.80 -6.08 1.17
C ASP A 195 -1.87 -5.82 2.36
N THR A 196 -2.15 -4.75 3.13
CA THR A 196 -1.40 -4.59 4.40
C THR A 196 -1.61 -5.84 5.25
N VAL A 197 -2.87 -6.24 5.42
CA VAL A 197 -3.29 -7.38 6.33
C VAL A 197 -2.69 -8.67 5.83
N ALA A 198 -2.75 -8.87 4.53
CA ALA A 198 -2.14 -10.07 3.98
C ALA A 198 -0.66 -10.18 4.22
N THR A 199 0.10 -9.09 3.94
CA THR A 199 1.56 -9.12 4.18
C THR A 199 1.77 -9.42 5.61
N MET A 200 0.99 -8.84 6.51
CA MET A 200 1.28 -9.01 7.93
C MET A 200 1.11 -10.50 8.28
N ILE A 201 0.00 -11.09 7.80
CA ILE A 201 -0.32 -12.51 8.10
C ILE A 201 0.68 -13.47 7.49
N SER A 202 1.07 -13.24 6.25
CA SER A 202 2.13 -13.99 5.56
C SER A 202 3.46 -14.10 6.33
N CYS A 203 3.72 -13.15 7.26
CA CYS A 203 4.92 -13.24 8.08
C CYS A 203 4.65 -13.86 9.41
N TYR A 204 3.39 -14.16 9.71
CA TYR A 204 3.08 -14.61 11.07
C TYR A 204 3.74 -15.93 11.45
N TYR A 205 3.82 -16.88 10.51
CA TYR A 205 4.26 -18.23 10.85
C TYR A 205 5.68 -18.21 11.35
N GLU A 206 6.51 -17.44 10.62
CA GLU A 206 7.93 -17.36 10.98
C GLU A 206 8.13 -16.48 12.22
N ASP A 207 7.24 -15.54 12.51
CA ASP A 207 7.43 -14.57 13.61
C ASP A 207 6.07 -14.12 14.18
N HIS A 208 5.69 -14.71 15.32
CA HIS A 208 4.42 -14.36 15.99
C HIS A 208 4.40 -12.90 16.47
N GLN A 209 5.57 -12.27 16.69
CA GLN A 209 5.62 -10.83 16.99
C GLN A 209 5.20 -9.88 15.83
N CYS A 210 4.94 -10.39 14.63
CA CYS A 210 4.59 -9.54 13.52
C CYS A 210 3.16 -9.13 13.81
N GLU A 211 2.98 -7.84 14.13
CA GLU A 211 1.67 -7.31 14.40
C GLU A 211 1.36 -6.13 13.58
N VAL A 212 2.05 -5.91 12.49
CA VAL A 212 1.84 -4.73 11.68
C VAL A 212 2.16 -5.11 10.28
N GLY A 213 1.39 -4.59 9.34
CA GLY A 213 1.67 -4.83 7.96
C GLY A 213 1.84 -3.46 7.31
N MET A 214 2.93 -3.26 6.56
CA MET A 214 2.98 -2.01 5.79
C MET A 214 3.18 -2.18 4.28
N ILE A 215 2.44 -1.40 3.51
CA ILE A 215 2.72 -1.31 2.08
C ILE A 215 3.36 0.09 1.72
N VAL A 216 4.47 0.10 0.98
CA VAL A 216 4.97 1.33 0.33
C VAL A 216 5.29 0.88 -1.11
N GLY A 217 4.29 1.02 -1.99
CA GLY A 217 4.44 0.63 -3.39
C GLY A 217 3.74 1.72 -4.14
N THR A 218 2.77 1.37 -4.97
CA THR A 218 2.07 2.36 -5.72
C THR A 218 1.36 3.29 -4.74
N GLY A 219 0.79 2.63 -3.74
CA GLY A 219 0.07 3.32 -2.70
C GLY A 219 0.84 3.15 -1.44
N CYS A 220 0.30 3.74 -0.38
CA CYS A 220 1.01 3.64 0.92
C CYS A 220 0.00 3.42 2.04
N ASN A 221 0.20 2.45 2.95
CA ASN A 221 -0.80 2.22 4.00
C ASN A 221 -0.22 1.20 5.01
N ALA A 222 -0.87 1.01 6.14
CA ALA A 222 -0.43 0.03 7.18
C ALA A 222 -1.65 -0.56 7.91
N CYS A 223 -1.49 -1.70 8.59
CA CYS A 223 -2.54 -2.16 9.47
C CYS A 223 -1.81 -2.67 10.69
N TYR A 224 -2.48 -2.87 11.83
CA TYR A 224 -1.76 -3.31 13.03
C TYR A 224 -2.80 -4.00 13.91
N MET A 225 -2.34 -4.77 14.87
CA MET A 225 -3.19 -5.42 15.83
C MET A 225 -3.69 -4.50 16.95
N GLU A 226 -4.97 -4.25 16.99
CA GLU A 226 -5.57 -3.36 17.96
C GLU A 226 -6.38 -4.12 19.03
N GLU A 227 -6.46 -3.53 20.24
CA GLU A 227 -7.13 -4.20 21.40
C GLU A 227 -8.61 -4.04 21.18
N MET A 228 -9.40 -5.12 21.33
CA MET A 228 -10.83 -5.01 20.97
C MET A 228 -11.63 -3.97 21.75
N GLN A 229 -11.26 -3.68 22.98
CA GLN A 229 -11.93 -2.60 23.69
C GLN A 229 -11.71 -1.23 23.02
N ASN A 230 -10.69 -1.12 22.17
CA ASN A 230 -10.44 0.15 21.52
C ASN A 230 -11.11 0.15 20.21
N VAL A 231 -11.45 -1.05 19.71
CA VAL A 231 -12.16 -1.12 18.45
C VAL A 231 -13.67 -0.91 18.74
N GLU A 232 -14.06 0.35 18.80
CA GLU A 232 -15.40 0.68 19.26
C GLU A 232 -16.49 0.35 18.24
N LEU A 233 -16.06 0.18 16.99
CA LEU A 233 -16.97 -0.06 15.92
C LEU A 233 -17.31 -1.56 15.80
N VAL A 234 -16.71 -2.39 16.65
CA VAL A 234 -17.00 -3.82 16.71
C VAL A 234 -17.26 -4.11 18.17
N GLU A 235 -18.47 -4.64 18.46
CA GLU A 235 -18.86 -5.08 19.83
C GLU A 235 -17.90 -6.10 20.44
N GLY A 236 -17.41 -5.84 21.64
CA GLY A 236 -16.51 -6.76 22.27
C GLY A 236 -15.24 -6.10 22.79
N ASP A 237 -14.66 -6.76 23.78
CA ASP A 237 -13.55 -6.20 24.51
C ASP A 237 -12.46 -7.20 24.66
N GLU A 238 -12.78 -8.44 24.28
CA GLU A 238 -11.84 -9.55 24.45
C GLU A 238 -11.08 -9.78 23.15
N GLY A 239 -9.77 -9.94 23.30
CA GLY A 239 -8.88 -10.15 22.15
C GLY A 239 -8.48 -8.91 21.36
N ARG A 240 -8.03 -9.17 20.14
CA ARG A 240 -7.55 -8.15 19.23
C ARG A 240 -8.04 -8.42 17.86
N MET A 241 -8.11 -7.36 17.09
CA MET A 241 -8.56 -7.43 15.77
C MET A 241 -7.59 -6.50 15.03
N CYS A 242 -7.19 -6.92 13.83
CA CYS A 242 -6.47 -6.07 12.92
C CYS A 242 -7.34 -4.92 12.44
N VAL A 243 -6.70 -3.75 12.40
CA VAL A 243 -7.31 -2.56 11.92
C VAL A 243 -6.46 -2.16 10.74
N ASN A 244 -7.16 -1.92 9.61
CA ASN A 244 -6.72 -1.21 8.43
C ASN A 244 -6.77 0.33 8.58
N THR A 245 -5.60 0.97 8.79
CA THR A 245 -5.63 2.36 9.24
C THR A 245 -6.18 3.19 8.11
N GLU A 246 -5.85 2.76 6.89
CA GLU A 246 -6.03 3.56 5.69
C GLU A 246 -5.30 4.92 5.85
N TRP A 247 -4.06 4.89 6.39
CA TRP A 247 -3.38 6.19 6.69
C TRP A 247 -3.03 7.04 5.48
N GLY A 248 -3.28 6.55 4.24
CA GLY A 248 -3.05 7.31 3.02
C GLY A 248 -3.86 8.56 3.00
N ALA A 249 -5.04 8.52 3.65
CA ALA A 249 -5.90 9.63 3.66
C ALA A 249 -5.61 10.63 4.79
N PHE A 250 -4.61 10.36 5.59
CA PHE A 250 -4.10 11.38 6.51
C PHE A 250 -3.73 12.66 5.75
N GLY A 251 -4.14 13.82 6.25
CA GLY A 251 -4.00 15.10 5.57
C GLY A 251 -5.27 15.56 4.86
N ASP A 252 -6.20 14.64 4.58
CA ASP A 252 -7.45 15.01 3.90
C ASP A 252 -8.34 15.95 4.70
N SER A 253 -8.09 16.06 6.00
CA SER A 253 -8.78 17.07 6.80
C SER A 253 -7.97 18.31 7.01
N GLY A 254 -6.89 18.43 6.25
CA GLY A 254 -5.98 19.52 6.36
C GLY A 254 -4.89 19.39 7.39
N GLU A 255 -4.69 18.16 7.93
CA GLU A 255 -3.59 17.89 8.91
C GLU A 255 -2.14 18.07 8.44
N LEU A 256 -1.93 18.08 7.13
CA LEU A 256 -0.58 18.20 6.58
C LEU A 256 -0.39 19.55 5.87
N ASP A 257 -1.29 20.50 6.11
CA ASP A 257 -1.31 21.70 5.26
C ASP A 257 -0.04 22.52 5.36
N GLU A 258 0.58 22.53 6.51
CA GLU A 258 1.81 23.28 6.63
C GLU A 258 3.01 22.67 5.86
N PHE A 259 2.91 21.38 5.51
CA PHE A 259 4.01 20.69 4.88
C PHE A 259 3.85 20.63 3.40
N LEU A 260 2.61 20.71 2.95
CA LEU A 260 2.34 20.57 1.54
C LEU A 260 3.12 21.62 0.67
N LEU A 261 3.68 21.22 -0.46
CA LEU A 261 4.48 22.13 -1.28
C LEU A 261 3.70 22.30 -2.56
N GLU A 262 4.20 23.13 -3.46
CA GLU A 262 3.49 23.44 -4.70
C GLU A 262 3.32 22.19 -5.56
N TYR A 263 4.34 21.33 -5.52
CA TYR A 263 4.39 20.16 -6.35
C TYR A 263 3.27 19.19 -5.87
N ASP A 264 3.04 19.17 -4.57
CA ASP A 264 1.99 18.34 -3.96
C ASP A 264 0.60 18.84 -4.36
N ARG A 265 0.39 20.16 -4.30
CA ARG A 265 -0.91 20.73 -4.71
C ARG A 265 -1.20 20.49 -6.19
N LEU A 266 -0.17 20.57 -7.05
CA LEU A 266 -0.29 20.11 -8.44
C LEU A 266 -0.56 18.64 -8.67
N VAL A 267 0.19 17.74 -8.01
CA VAL A 267 -0.04 16.31 -8.16
C VAL A 267 -1.51 16.03 -7.76
N ASP A 268 -1.91 16.57 -6.62
CA ASP A 268 -3.24 16.41 -6.03
C ASP A 268 -4.34 16.95 -6.95
N GLU A 269 -4.14 18.16 -7.46
CA GLU A 269 -5.14 18.85 -8.30
C GLU A 269 -5.44 18.15 -9.63
N SER A 270 -4.48 17.40 -10.16
CA SER A 270 -4.59 16.77 -11.47
C SER A 270 -4.73 15.24 -11.37
N SER A 271 -4.93 14.77 -10.13
CA SER A 271 -5.09 13.33 -9.84
C SER A 271 -6.54 12.93 -10.09
N ALA A 272 -6.79 11.62 -10.18
CA ALA A 272 -8.16 11.05 -10.18
C ALA A 272 -8.98 11.34 -8.90
N ASN A 273 -8.30 11.61 -7.78
CA ASN A 273 -8.96 11.85 -6.51
C ASN A 273 -8.56 13.15 -5.84
N PRO A 274 -8.79 14.31 -6.52
CA PRO A 274 -8.38 15.56 -5.92
C PRO A 274 -8.94 15.68 -4.53
N GLY A 275 -8.07 15.98 -3.57
CA GLY A 275 -8.40 16.29 -2.19
C GLY A 275 -8.32 15.06 -1.33
N GLN A 276 -8.08 13.90 -1.92
CA GLN A 276 -8.04 12.64 -1.21
C GLN A 276 -6.67 11.96 -1.33
N GLN A 277 -6.33 11.25 -0.29
CA GLN A 277 -5.12 10.45 -0.19
C GLN A 277 -3.86 11.35 -0.11
N LEU A 278 -3.95 12.45 0.60
CA LEU A 278 -2.89 13.48 0.65
C LEU A 278 -1.55 12.95 1.19
N TYR A 279 -1.61 12.20 2.28
CA TYR A 279 -0.42 11.60 2.80
C TYR A 279 0.17 10.60 1.86
N GLU A 280 -0.68 9.82 1.15
CA GLU A 280 -0.19 8.78 0.25
C GLU A 280 0.54 9.44 -0.94
N LYS A 281 -0.05 10.55 -1.36
CA LYS A 281 0.56 11.39 -2.40
C LYS A 281 1.97 11.96 -2.10
N LEU A 282 2.40 11.93 -0.86
CA LEU A 282 3.76 12.34 -0.52
C LEU A 282 4.76 11.20 -0.68
N ILE A 283 4.26 9.96 -0.78
CA ILE A 283 5.08 8.72 -0.55
C ILE A 283 4.98 7.70 -1.67
N GLY A 284 3.72 7.45 -2.11
CA GLY A 284 3.39 6.33 -3.00
C GLY A 284 4.10 6.40 -4.35
N GLY A 285 4.64 5.29 -4.84
CA GLY A 285 5.18 5.24 -6.20
C GLY A 285 4.25 5.67 -7.34
N LYS A 286 2.95 5.78 -7.13
CA LYS A 286 2.08 6.31 -8.17
C LYS A 286 2.35 7.80 -8.43
N TYR A 287 2.87 8.50 -7.41
CA TYR A 287 3.00 9.93 -7.40
C TYR A 287 4.50 10.35 -7.31
N MET A 288 5.39 9.45 -6.91
CA MET A 288 6.75 9.87 -6.64
C MET A 288 7.47 10.48 -7.89
N GLY A 289 7.36 9.81 -9.04
CA GLY A 289 8.03 10.27 -10.26
C GLY A 289 7.42 11.58 -10.72
N GLU A 290 6.11 11.72 -10.48
CA GLU A 290 5.39 12.91 -10.89
C GLU A 290 5.85 14.11 -10.11
N LEU A 291 6.10 13.91 -8.83
CA LEU A 291 6.65 14.94 -7.99
C LEU A 291 8.03 15.45 -8.53
N VAL A 292 8.92 14.53 -8.90
CA VAL A 292 10.23 14.82 -9.41
C VAL A 292 10.05 15.59 -10.74
N ARG A 293 9.22 15.08 -11.61
CA ARG A 293 8.91 15.79 -12.82
C ARG A 293 8.63 17.27 -12.63
N LEU A 294 7.80 17.60 -11.62
CA LEU A 294 7.29 18.92 -11.42
C LEU A 294 8.39 19.75 -10.82
N VAL A 295 9.18 19.11 -9.96
CA VAL A 295 10.34 19.75 -9.42
C VAL A 295 11.32 20.06 -10.54
N LEU A 296 11.51 19.12 -11.48
CA LEU A 296 12.36 19.33 -12.65
C LEU A 296 11.88 20.52 -13.51
N LEU A 297 10.59 20.50 -13.92
CA LEU A 297 9.94 21.62 -14.63
C LEU A 297 10.03 22.92 -13.88
N ARG A 298 9.97 22.88 -12.54
CA ARG A 298 10.19 24.15 -11.84
C ARG A 298 11.60 24.65 -12.13
N LEU A 299 12.57 23.72 -12.06
CA LEU A 299 14.00 24.02 -12.19
C LEU A 299 14.32 24.54 -13.62
N VAL A 300 13.74 23.92 -14.65
CA VAL A 300 13.93 24.41 -16.00
C VAL A 300 13.32 25.80 -16.16
N ASP A 301 12.21 26.08 -15.49
CA ASP A 301 11.62 27.40 -15.61
C ASP A 301 12.42 28.56 -14.99
N GLU A 302 13.09 28.29 -13.89
CA GLU A 302 13.97 29.23 -13.33
C GLU A 302 15.27 29.25 -14.12
N ASN A 303 15.35 28.50 -15.22
CA ASN A 303 16.57 28.35 -16.06
C ASN A 303 17.78 27.71 -15.38
N LEU A 304 17.52 26.68 -14.56
CA LEU A 304 18.55 26.12 -13.70
C LEU A 304 18.93 24.74 -14.22
N LEU A 305 18.20 24.24 -15.22
CA LEU A 305 18.31 22.86 -15.63
C LEU A 305 17.98 22.78 -17.11
N PHE A 306 18.71 21.94 -17.86
CA PHE A 306 18.53 21.77 -19.31
C PHE A 306 18.47 23.14 -20.10
N HIS A 307 19.28 24.11 -19.67
CA HIS A 307 19.30 25.49 -20.21
C HIS A 307 17.89 26.08 -20.31
N GLY A 308 17.06 25.82 -19.30
CA GLY A 308 15.66 26.25 -19.33
C GLY A 308 14.84 25.75 -20.49
N GLU A 309 15.23 24.62 -21.07
CA GLU A 309 14.45 24.02 -22.16
C GLU A 309 13.98 22.58 -21.90
N ALA A 310 12.67 22.40 -21.80
CA ALA A 310 12.15 21.10 -21.50
C ALA A 310 11.65 20.41 -22.78
N SER A 311 11.79 19.10 -22.77
CA SER A 311 11.35 18.25 -23.83
C SER A 311 9.83 18.10 -23.77
N GLU A 312 9.23 17.50 -24.81
CA GLU A 312 7.79 17.25 -24.89
C GLU A 312 7.38 16.12 -23.95
N GLN A 313 8.21 15.09 -23.87
CA GLN A 313 8.08 14.04 -22.87
C GLN A 313 8.13 14.54 -21.45
N LEU A 314 8.98 15.52 -21.17
CA LEU A 314 9.16 15.97 -19.83
C LEU A 314 7.94 16.78 -19.45
N ARG A 315 7.30 17.39 -20.45
CA ARG A 315 6.15 18.25 -20.19
C ARG A 315 4.87 17.43 -20.11
N THR A 316 4.95 16.13 -20.36
CA THR A 316 3.79 15.26 -20.21
C THR A 316 3.77 14.48 -18.88
N ARG A 317 2.60 14.48 -18.25
CA ARG A 317 2.29 13.76 -17.06
C ARG A 317 2.60 12.32 -17.09
N GLY A 318 3.08 11.80 -15.99
CA GLY A 318 3.35 10.37 -15.96
C GLY A 318 4.66 9.94 -16.59
N ALA A 319 5.27 10.83 -17.37
CA ALA A 319 6.50 10.56 -18.12
C ALA A 319 7.75 10.33 -17.28
N PHE A 320 7.89 11.03 -16.16
CA PHE A 320 8.93 10.67 -15.19
C PHE A 320 8.37 9.56 -14.25
N GLU A 321 8.62 8.31 -14.63
CA GLU A 321 8.15 7.12 -13.93
C GLU A 321 8.93 6.95 -12.64
N THR A 322 8.26 6.47 -11.60
CA THR A 322 8.87 6.34 -10.30
C THR A 322 10.12 5.47 -10.35
N ARG A 323 10.12 4.54 -11.29
CA ARG A 323 11.23 3.63 -11.41
C ARG A 323 12.47 4.38 -11.88
N PHE A 324 12.30 5.50 -12.55
CA PHE A 324 13.43 6.41 -12.98
C PHE A 324 14.04 7.06 -11.78
N VAL A 325 13.24 7.36 -10.76
CA VAL A 325 13.73 8.02 -9.56
C VAL A 325 14.76 7.13 -8.89
N SER A 326 14.33 5.88 -8.78
CA SER A 326 15.06 4.83 -8.15
C SER A 326 16.29 4.50 -8.99
N GLN A 327 16.18 4.50 -10.31
CA GLN A 327 17.32 4.20 -11.15
C GLN A 327 18.34 5.35 -11.17
N VAL A 328 17.84 6.58 -11.28
CA VAL A 328 18.69 7.80 -11.01
C VAL A 328 19.51 7.71 -9.75
N GLU A 329 18.87 7.44 -8.62
CA GLU A 329 19.62 7.17 -7.34
C GLU A 329 20.50 5.93 -7.17
N SER A 330 20.44 4.99 -8.11
CA SER A 330 21.42 3.91 -8.23
C SER A 330 22.63 4.25 -9.08
N ASP A 331 22.58 5.38 -9.82
CA ASP A 331 23.74 5.80 -10.55
C ASP A 331 24.99 5.76 -9.68
N THR A 332 26.01 5.13 -10.24
CA THR A 332 27.22 4.89 -9.46
C THR A 332 28.15 6.09 -9.39
N GLY A 333 27.82 7.20 -10.06
CA GLY A 333 28.75 8.36 -10.14
C GLY A 333 29.25 8.67 -11.53
N ASP A 334 29.12 7.72 -12.44
CA ASP A 334 29.49 7.98 -13.84
C ASP A 334 28.40 8.70 -14.65
N ARG A 335 27.19 8.79 -14.08
CA ARG A 335 26.10 9.54 -14.71
C ARG A 335 25.49 8.88 -15.90
N LYS A 336 25.97 7.69 -16.23
CA LYS A 336 25.42 6.97 -17.40
C LYS A 336 23.98 6.53 -17.25
N GLN A 337 23.57 6.07 -16.05
CA GLN A 337 22.14 5.75 -15.84
C GLN A 337 21.25 7.00 -15.98
N ILE A 338 21.67 8.09 -15.34
CA ILE A 338 20.96 9.39 -15.42
C ILE A 338 20.89 9.84 -16.88
N TYR A 339 22.03 9.76 -17.56
CA TYR A 339 22.10 10.26 -18.94
C TYR A 339 21.12 9.50 -19.81
N ASN A 340 21.21 8.17 -19.77
CA ASN A 340 20.25 7.34 -20.50
C ASN A 340 18.78 7.60 -20.21
N ILE A 341 18.40 7.76 -18.93
CA ILE A 341 17.00 8.02 -18.56
C ILE A 341 16.61 9.34 -19.17
N LEU A 342 17.42 10.39 -18.94
CA LEU A 342 17.08 11.73 -19.47
C LEU A 342 17.11 11.73 -21.01
N SER A 343 18.00 10.95 -21.61
CA SER A 343 18.11 10.90 -23.08
C SER A 343 16.89 10.25 -23.71
N THR A 344 16.45 9.16 -23.07
CA THR A 344 15.22 8.52 -23.43
C THR A 344 14.01 9.46 -23.34
N LEU A 345 14.10 10.48 -22.48
CA LEU A 345 12.99 11.47 -22.25
C LEU A 345 13.08 12.63 -23.19
N GLY A 346 13.95 12.45 -24.20
CA GLY A 346 14.17 13.48 -25.22
C GLY A 346 15.04 14.62 -24.79
N LEU A 347 15.93 14.41 -23.83
CA LEU A 347 16.79 15.48 -23.33
C LEU A 347 18.27 15.16 -23.59
N ARG A 348 19.13 16.17 -23.49
CA ARG A 348 20.58 16.01 -23.62
C ARG A 348 21.23 16.73 -22.46
N PRO A 349 21.29 16.06 -21.29
CA PRO A 349 21.86 16.68 -20.12
C PRO A 349 23.35 16.89 -20.11
N SER A 350 23.77 17.99 -19.52
CA SER A 350 25.16 18.12 -19.16
C SER A 350 25.42 17.42 -17.87
N THR A 351 26.69 17.34 -17.51
CA THR A 351 27.17 16.80 -16.24
C THR A 351 26.37 17.37 -15.05
N THR A 352 26.15 18.69 -15.04
CA THR A 352 25.46 19.35 -13.95
C THR A 352 23.97 19.16 -13.99
N ASP A 353 23.35 19.10 -15.16
CA ASP A 353 21.96 18.71 -15.27
C ASP A 353 21.68 17.31 -14.58
N CYS A 354 22.49 16.33 -14.89
CA CYS A 354 22.52 15.03 -14.22
C CYS A 354 22.61 15.08 -12.71
N ASP A 355 23.60 15.81 -12.19
CA ASP A 355 23.76 15.89 -10.76
C ASP A 355 22.54 16.47 -10.10
N ILE A 356 21.93 17.48 -10.74
CA ILE A 356 20.74 18.17 -10.26
C ILE A 356 19.44 17.27 -10.29
N VAL A 357 19.26 16.51 -11.35
CA VAL A 357 18.24 15.50 -11.42
C VAL A 357 18.39 14.47 -10.29
N ARG A 358 19.60 13.96 -10.06
CA ARG A 358 19.90 13.14 -8.89
C ARG A 358 19.38 13.74 -7.54
N ARG A 359 19.82 14.99 -7.28
CA ARG A 359 19.43 15.70 -6.07
C ARG A 359 17.95 15.93 -5.95
N ALA A 360 17.28 16.21 -7.07
CA ALA A 360 15.85 16.39 -7.08
C ALA A 360 15.13 15.07 -6.65
N CYS A 361 15.55 13.94 -7.22
CA CYS A 361 15.13 12.57 -6.85
C CYS A 361 15.35 12.26 -5.34
N GLU A 362 16.53 12.56 -4.86
CA GLU A 362 16.89 12.33 -3.45
C GLU A 362 16.04 13.13 -2.50
N SER A 363 15.79 14.39 -2.91
CA SER A 363 14.94 15.31 -2.15
C SER A 363 13.52 14.73 -1.94
N VAL A 364 12.91 14.33 -3.06
CA VAL A 364 11.56 13.74 -3.08
C VAL A 364 11.52 12.37 -2.31
N SER A 365 12.43 11.46 -2.59
CA SER A 365 12.35 10.12 -1.99
C SER A 365 12.80 10.11 -0.50
N THR A 366 13.74 10.98 -0.13
CA THR A 366 14.06 11.20 1.28
C THR A 366 12.87 11.84 2.04
N ARG A 367 12.11 12.74 1.44
CA ARG A 367 10.98 13.26 2.17
C ARG A 367 9.89 12.13 2.29
N ALA A 368 9.65 11.35 1.26
CA ALA A 368 8.79 10.19 1.33
C ALA A 368 9.25 9.25 2.47
N ALA A 369 10.51 8.83 2.48
CA ALA A 369 11.00 7.96 3.59
C ALA A 369 10.66 8.51 5.01
N HIS A 370 10.90 9.81 5.20
CA HIS A 370 10.77 10.42 6.49
C HIS A 370 9.32 10.58 6.88
N MET A 371 8.50 11.06 5.97
CA MET A 371 7.03 11.17 6.16
C MET A 371 6.45 9.82 6.55
N CYS A 372 6.86 8.80 5.83
CA CYS A 372 6.36 7.49 6.07
C CYS A 372 6.84 6.97 7.46
N SER A 373 8.03 7.39 7.86
CA SER A 373 8.61 6.94 9.11
C SER A 373 7.82 7.45 10.28
N ALA A 374 7.23 8.62 10.15
CA ALA A 374 6.48 9.23 11.24
C ALA A 374 5.11 8.53 11.45
N GLY A 375 4.49 8.15 10.30
CA GLY A 375 3.30 7.33 10.26
C GLY A 375 3.51 6.08 11.05
N LEU A 376 4.51 5.28 10.73
CA LEU A 376 4.67 4.00 11.39
C LEU A 376 5.13 4.16 12.83
N ALA A 377 5.95 5.20 13.12
CA ALA A 377 6.31 5.50 14.53
C ALA A 377 5.00 5.81 15.34
N GLY A 378 4.04 6.53 14.72
CA GLY A 378 2.68 6.80 15.30
C GLY A 378 2.03 5.46 15.71
N VAL A 379 2.06 4.49 14.80
CA VAL A 379 1.37 3.21 14.98
C VAL A 379 2.09 2.46 16.05
N ILE A 380 3.37 2.42 15.92
CA ILE A 380 4.13 1.65 16.93
C ILE A 380 4.12 2.23 18.36
N ASN A 381 4.24 3.56 18.48
CA ASN A 381 4.18 4.22 19.81
C ASN A 381 2.76 4.17 20.37
N ARG A 382 1.75 4.34 19.52
CA ARG A 382 0.38 4.02 19.97
C ARG A 382 0.31 2.58 20.59
N MET A 383 0.80 1.56 19.89
CA MET A 383 0.74 0.21 20.43
C MET A 383 1.62 0.06 21.71
N ARG A 384 2.71 0.85 21.80
CA ARG A 384 3.59 0.93 22.99
C ARG A 384 2.76 1.21 24.28
N GLU A 385 1.82 2.13 24.20
CA GLU A 385 0.91 2.41 25.31
C GLU A 385 0.19 1.19 25.95
N SER A 386 0.01 0.13 25.16
CA SER A 386 -0.76 -1.07 25.55
C SER A 386 0.14 -2.27 25.79
N ARG A 387 1.42 -2.01 25.95
CA ARG A 387 2.36 -3.07 26.16
C ARG A 387 3.19 -2.59 27.36
N SER A 388 3.60 -3.50 28.22
CA SER A 388 4.20 -3.07 29.49
C SER A 388 5.48 -3.86 29.73
N GLU A 389 6.19 -4.15 28.64
CA GLU A 389 7.55 -4.63 28.73
C GLU A 389 8.45 -3.41 28.75
N ASP A 390 9.70 -3.65 29.11
CA ASP A 390 10.72 -2.62 29.17
C ASP A 390 11.01 -2.07 27.73
N VAL A 391 11.43 -2.99 26.88
CA VAL A 391 11.47 -2.86 25.42
C VAL A 391 10.24 -3.58 24.78
N MET A 392 9.44 -2.85 24.01
CA MET A 392 8.45 -3.51 23.17
C MET A 392 9.15 -4.04 21.92
N ARG A 393 9.24 -5.37 21.83
CA ARG A 393 9.74 -6.02 20.61
C ARG A 393 8.60 -6.23 19.70
N ILE A 394 8.63 -5.58 18.54
CA ILE A 394 7.62 -5.76 17.51
C ILE A 394 8.17 -6.04 16.11
N THR A 395 7.45 -6.85 15.32
CA THR A 395 7.84 -7.13 13.94
C THR A 395 6.85 -6.50 12.98
N VAL A 396 7.38 -5.90 11.91
CA VAL A 396 6.55 -5.24 10.90
C VAL A 396 6.74 -6.04 9.61
N GLY A 397 5.65 -6.44 8.91
CA GLY A 397 5.80 -7.06 7.57
C GLY A 397 5.65 -5.99 6.55
N VAL A 398 6.51 -5.96 5.52
CA VAL A 398 6.46 -4.85 4.61
C VAL A 398 6.54 -5.33 3.17
N ASP A 399 5.85 -4.64 2.28
CA ASP A 399 6.01 -5.03 0.88
C ASP A 399 5.88 -3.79 0.09
N GLY A 400 6.08 -3.87 -1.21
CA GLY A 400 5.94 -2.72 -2.08
C GLY A 400 7.31 -2.37 -2.68
N SER A 401 7.35 -2.05 -3.97
CA SER A 401 8.57 -1.74 -4.73
C SER A 401 9.33 -0.47 -4.30
N VAL A 402 8.65 0.62 -3.93
CA VAL A 402 9.35 1.78 -3.26
C VAL A 402 10.22 1.34 -2.08
N TYR A 403 9.62 0.73 -1.06
CA TYR A 403 10.36 0.24 0.09
C TYR A 403 11.42 -0.79 -0.27
N LYS A 404 11.10 -1.72 -1.14
CA LYS A 404 11.97 -2.84 -1.37
C LYS A 404 13.18 -2.57 -2.29
N LEU A 405 12.91 -1.84 -3.33
CA LEU A 405 13.86 -1.63 -4.40
C LEU A 405 14.53 -0.23 -4.51
N HIS A 406 13.90 0.85 -3.99
CA HIS A 406 14.58 2.16 -4.02
C HIS A 406 15.87 2.00 -3.23
N PRO A 407 17.04 2.31 -3.82
CA PRO A 407 18.37 2.07 -3.21
C PRO A 407 18.57 2.51 -1.75
N SER A 408 17.97 3.60 -1.32
CA SER A 408 18.26 3.93 0.06
C SER A 408 17.04 4.16 0.89
N PHE A 409 15.86 4.07 0.26
CA PHE A 409 14.61 4.34 0.95
C PHE A 409 14.52 3.58 2.23
N LYS A 410 14.76 2.27 2.18
CA LYS A 410 14.49 1.51 3.41
C LYS A 410 15.51 1.85 4.50
N GLU A 411 16.79 1.99 4.17
CA GLU A 411 17.75 2.49 5.19
C GLU A 411 17.34 3.78 5.89
N ARG A 412 16.98 4.78 5.11
CA ARG A 412 16.55 6.10 5.58
C ARG A 412 15.33 5.89 6.45
N PHE A 413 14.37 5.11 5.92
CA PHE A 413 13.14 4.80 6.67
C PHE A 413 13.42 4.15 8.00
N HIS A 414 14.23 3.09 7.97
CA HIS A 414 14.59 2.45 9.18
C HIS A 414 15.18 3.35 10.26
N ALA A 415 16.23 4.11 9.91
CA ALA A 415 16.88 5.01 10.92
C ALA A 415 15.92 6.03 11.49
N SER A 416 15.10 6.61 10.66
CA SER A 416 14.22 7.60 11.18
C SER A 416 13.11 7.06 12.17
N VAL A 417 12.49 5.91 11.80
CA VAL A 417 11.51 5.18 12.64
C VAL A 417 12.07 4.79 14.00
N ARG A 418 13.32 4.36 13.99
CA ARG A 418 14.03 4.03 15.20
C ARG A 418 14.24 5.23 16.12
N ARG A 419 14.67 6.33 15.52
CA ARG A 419 14.84 7.59 16.22
C ARG A 419 13.49 7.99 16.90
N LEU A 420 12.36 7.76 16.22
CA LEU A 420 10.99 8.11 16.73
C LEU A 420 10.35 7.15 17.74
N THR A 421 10.93 6.00 17.92
CA THR A 421 10.26 4.97 18.67
C THR A 421 11.17 4.45 19.80
N PRO A 422 11.57 5.33 20.76
CA PRO A 422 12.36 4.88 21.91
C PRO A 422 11.69 3.79 22.77
N SER A 423 12.51 2.90 23.30
CA SER A 423 12.04 1.69 23.99
C SER A 423 11.21 0.69 23.14
N CYS A 424 11.31 0.79 21.80
CA CYS A 424 10.79 -0.26 20.88
C CYS A 424 11.96 -0.80 20.15
N GLU A 425 11.98 -2.10 20.01
CA GLU A 425 12.98 -2.84 19.25
C GLU A 425 12.20 -3.48 18.08
N ILE A 426 12.28 -2.84 16.89
CA ILE A 426 11.52 -3.14 15.70
C ILE A 426 12.26 -4.03 14.73
N THR A 427 11.63 -5.13 14.33
CA THR A 427 12.23 -6.06 13.34
C THR A 427 11.38 -5.92 12.06
N PHE A 428 12.02 -5.79 10.90
CA PHE A 428 11.31 -5.60 9.62
C PHE A 428 11.45 -6.84 8.81
N ILE A 429 10.34 -7.36 8.34
CA ILE A 429 10.44 -8.51 7.45
C ILE A 429 9.84 -8.14 6.12
N GLU A 430 10.56 -8.40 5.05
CA GLU A 430 10.04 -8.21 3.75
C GLU A 430 9.24 -9.49 3.39
N SER A 431 8.01 -9.27 2.93
CA SER A 431 7.08 -10.38 2.73
C SER A 431 7.40 -11.12 1.43
N GLU A 432 7.26 -12.44 1.48
CA GLU A 432 7.54 -13.24 0.30
C GLU A 432 6.30 -13.36 -0.60
N GLU A 433 5.22 -13.96 -0.20
CA GLU A 433 4.22 -13.71 -1.24
C GLU A 433 3.12 -13.26 -0.42
N GLY A 434 3.33 -12.06 0.14
CA GLY A 434 2.46 -11.43 1.05
C GLY A 434 1.00 -11.52 0.66
N SER A 435 0.62 -10.93 -0.45
CA SER A 435 -0.75 -10.82 -0.88
C SER A 435 -1.41 -12.21 -1.00
N GLY A 436 -0.81 -13.12 -1.75
CA GLY A 436 -1.47 -14.38 -2.06
C GLY A 436 -1.40 -15.38 -0.94
N ARG A 437 -0.31 -15.35 -0.20
CA ARG A 437 -0.12 -16.33 0.83
C ARG A 437 -0.80 -15.90 2.10
N GLY A 438 -1.07 -14.60 2.25
CA GLY A 438 -1.72 -14.10 3.45
C GLY A 438 -3.23 -14.20 3.29
N ALA A 439 -3.75 -13.85 2.14
CA ALA A 439 -5.17 -14.09 1.81
C ALA A 439 -5.57 -15.60 2.05
N ALA A 440 -4.71 -16.53 1.67
CA ALA A 440 -4.97 -17.95 1.83
C ALA A 440 -4.93 -18.36 3.26
N LEU A 441 -4.01 -17.80 4.03
CA LEU A 441 -3.82 -18.24 5.40
C LEU A 441 -5.02 -17.89 6.27
N VAL A 442 -5.66 -16.79 5.90
CA VAL A 442 -6.78 -16.22 6.60
C VAL A 442 -8.06 -16.99 6.13
N SER A 443 -8.15 -17.25 4.82
CA SER A 443 -9.15 -18.11 4.22
C SER A 443 -9.09 -19.42 4.90
N ALA A 444 -7.93 -20.02 4.96
CA ALA A 444 -7.74 -21.24 5.75
C ALA A 444 -8.40 -21.21 7.12
N VAL A 445 -8.36 -20.07 7.82
CA VAL A 445 -8.80 -20.07 9.21
C VAL A 445 -10.32 -19.82 9.26
N ALA A 446 -10.80 -18.96 8.38
CA ALA A 446 -12.18 -18.63 8.29
C ALA A 446 -13.02 -19.83 7.72
N CYS A 447 -12.30 -20.82 7.19
CA CYS A 447 -12.87 -22.03 6.63
C CYS A 447 -13.39 -22.90 7.72
N LYS A 448 -12.55 -23.14 8.74
CA LYS A 448 -12.94 -23.90 9.93
C LYS A 448 -14.35 -23.53 10.46
N LYS A 449 -14.85 -22.32 10.10
CA LYS A 449 -16.24 -21.86 10.39
C LYS A 449 -17.21 -21.91 9.20
N ALA A 450 -16.84 -21.34 8.05
CA ALA A 450 -17.71 -21.35 6.84
C ALA A 450 -17.39 -22.50 5.84
N CYS A 451 -17.49 -23.72 6.37
CA CYS A 451 -17.21 -24.97 5.65
C CYS A 451 -17.28 -26.11 6.68
#